data_6H10
#
_entry.id   6H10
#
_cell.length_a   71.454
_cell.length_b   71.454
_cell.length_c   150.693
_cell.angle_alpha   90.000
_cell.angle_beta   90.000
_cell.angle_gamma   90.000
#
_symmetry.space_group_name_H-M   'P 43 21 2'
#
loop_
_entity.id
_entity.type
_entity.pdbx_description
1 polymer 'Lysine-specific demethylase 4D'
2 non-polymer 'ZINC ION'
3 non-polymer 'CHLORIDE ION'
4 non-polymer 'SODIUM ION'
5 non-polymer 1,2-ETHANEDIOL
6 non-polymer 'SULFATE ION'
7 non-polymer 'NICKEL (II) ION'
8 non-polymer ~{N}-[(~{E})-(4-methylphenyl)methylideneamino]-2-(2~{H}-1,2,3,4-tetrazol-5-yl)ethanamide
9 non-polymer '4-(2-HYDROXYETHYL)-1-PIPERAZINE ETHANESULFONIC ACID'
10 water water
#
_entity_poly.entity_id   1
_entity_poly.type   'polypeptide(L)'
_entity_poly.pdbx_seq_one_letter_code
;METMKSKANCAQNPNCNIMIFHPTKEEFNDFDKYIAYMESQGAHRAGLAKIIPPKEWKARETYDNISEILIATPLQQVAS
GRAGVFTQYHKKKKAMTVGEYRHLANSKKYQTPPHQNFEDLERKYWKNRIYNSPIYGADISGSLFDENTKQWNLGHLGTI
QDLLEKECGVVIEGVNTPYLYFGMWKTTFAWHTEDMDLYSINYLHLGEPKTWYVVPPEHGQRLERLARELFPGSSRGCGA
FLRHKVALISPTVLKENGIPFNRITQEAGEFMVTFPYGYHAGFNHGFNCAEAINFATPRWIDYGKMASQCSCGEARVTFS
MDAFVRILQPERYDLWKRGQDR
;
_entity_poly.pdbx_strand_id   A
#
loop_
_chem_comp.id
_chem_comp.type
_chem_comp.name
_chem_comp.formula
CL non-polymer 'CHLORIDE ION' 'Cl -1'
EDO non-polymer 1,2-ETHANEDIOL 'C2 H6 O2'
EPE non-polymer '4-(2-HYDROXYETHYL)-1-PIPERAZINE ETHANESULFONIC ACID' 'C8 H18 N2 O4 S'
FJ8 non-polymer ~{N}-[(~{E})-(4-methylphenyl)methylideneamino]-2-(2~{H}-1,2,3,4-tetrazol-5-yl)ethanamide 'C11 H12 N6 O'
NA non-polymer 'SODIUM ION' 'Na 1'
NI non-polymer 'NICKEL (II) ION' 'Ni 2'
SO4 non-polymer 'SULFATE ION' 'O4 S -2'
ZN non-polymer 'ZINC ION' 'Zn 2'
#
# COMPACT_ATOMS: atom_id res chain seq x y z
N ALA A 11 -15.08 -16.60 17.31
CA ALA A 11 -14.52 -15.68 16.29
C ALA A 11 -13.25 -16.21 15.64
N GLN A 12 -13.17 -16.08 14.33
CA GLN A 12 -12.06 -16.63 13.61
CA GLN A 12 -12.07 -16.60 13.56
C GLN A 12 -10.84 -15.72 13.70
N ASN A 13 -9.68 -16.34 13.78
CA ASN A 13 -8.39 -15.65 13.80
C ASN A 13 -8.30 -14.61 14.91
N PRO A 14 -8.58 -14.99 16.16
CA PRO A 14 -8.63 -14.00 17.25
C PRO A 14 -7.30 -13.34 17.57
N ASN A 15 -6.18 -14.00 17.28
CA ASN A 15 -4.88 -13.39 17.50
C ASN A 15 -4.47 -12.50 16.34
N CYS A 16 -5.29 -12.38 15.28
CA CYS A 16 -5.02 -11.41 14.22
C CYS A 16 -3.74 -11.75 13.44
N ASN A 17 -3.49 -13.03 13.22
CA ASN A 17 -2.34 -13.45 12.44
C ASN A 17 -2.58 -13.20 10.94
N ILE A 18 -1.50 -12.90 10.23
CA ILE A 18 -1.56 -12.83 8.77
C ILE A 18 -1.78 -14.23 8.21
N MET A 19 -2.83 -14.40 7.44
CA MET A 19 -3.19 -15.66 6.81
C MET A 19 -2.74 -15.68 5.35
N ILE A 20 -2.41 -16.88 4.89
CA ILE A 20 -1.93 -17.15 3.54
C ILE A 20 -2.91 -18.11 2.89
N PHE A 21 -3.37 -17.77 1.68
CA PHE A 21 -4.36 -18.54 0.97
C PHE A 21 -3.80 -19.08 -0.32
N HIS A 22 -4.27 -20.28 -0.69
CA HIS A 22 -3.89 -20.99 -1.90
C HIS A 22 -5.13 -21.37 -2.69
N PRO A 23 -5.82 -20.40 -3.30
CA PRO A 23 -7.01 -20.73 -4.10
C PRO A 23 -6.69 -21.67 -5.25
N THR A 24 -7.64 -22.56 -5.52
CA THR A 24 -7.60 -23.33 -6.74
C THR A 24 -7.99 -22.44 -7.92
N LYS A 25 -7.78 -22.95 -9.15
CA LYS A 25 -8.18 -22.17 -10.32
C LYS A 25 -9.68 -21.90 -10.34
N GLU A 26 -10.49 -22.82 -9.85
CA GLU A 26 -11.94 -22.57 -9.78
C GLU A 26 -12.26 -21.48 -8.77
N GLU A 27 -11.58 -21.50 -7.62
CA GLU A 27 -11.82 -20.49 -6.61
C GLU A 27 -11.29 -19.12 -7.02
N PHE A 28 -10.43 -19.07 -8.04
CA PHE A 28 -9.82 -17.83 -8.51
C PHE A 28 -10.70 -17.11 -9.54
N ASN A 29 -11.87 -17.65 -9.87
CA ASN A 29 -12.69 -17.01 -10.89
C ASN A 29 -13.40 -15.78 -10.35
N ASP A 30 -14.01 -15.89 -9.17
CA ASP A 30 -14.90 -14.88 -8.63
C ASP A 30 -14.17 -14.12 -7.53
N PHE A 31 -13.64 -12.94 -7.87
CA PHE A 31 -12.81 -12.16 -6.97
C PHE A 31 -13.56 -11.81 -5.68
N ASP A 32 -14.75 -11.19 -5.84
N ASP A 32 -14.74 -11.25 -5.83
CA ASP A 32 -15.53 -10.77 -4.66
CA ASP A 32 -15.44 -10.78 -4.64
C ASP A 32 -15.79 -11.95 -3.74
C ASP A 32 -15.82 -11.94 -3.72
N LYS A 33 -16.17 -13.09 -4.30
CA LYS A 33 -16.50 -14.26 -3.49
C LYS A 33 -15.29 -14.70 -2.67
N TYR A 34 -14.10 -14.64 -3.27
CA TYR A 34 -12.93 -15.10 -2.55
C TYR A 34 -12.54 -14.12 -1.44
N ILE A 35 -12.68 -12.81 -1.67
CA ILE A 35 -12.44 -11.87 -0.58
C ILE A 35 -13.35 -12.19 0.60
N ALA A 36 -14.64 -12.41 0.29
CA ALA A 36 -15.59 -12.74 1.34
C ALA A 36 -15.23 -14.05 2.04
N TYR A 37 -14.76 -15.04 1.29
CA TYR A 37 -14.31 -16.29 1.89
C TYR A 37 -13.16 -16.03 2.86
N MET A 38 -12.16 -15.27 2.43
N MET A 38 -12.16 -15.24 2.44
CA MET A 38 -11.03 -14.97 3.30
CA MET A 38 -11.03 -15.00 3.34
C MET A 38 -11.54 -14.36 4.62
C MET A 38 -11.51 -14.33 4.63
N GLU A 39 -12.46 -13.40 4.52
CA GLU A 39 -13.00 -12.76 5.71
CA GLU A 39 -13.00 -12.75 5.71
C GLU A 39 -13.78 -13.73 6.58
N SER A 40 -14.47 -14.70 5.97
CA SER A 40 -15.16 -15.71 6.75
C SER A 40 -14.19 -16.50 7.61
N GLN A 41 -12.92 -16.59 7.20
CA GLN A 41 -11.87 -17.27 7.93
C GLN A 41 -11.11 -16.33 8.87
N GLY A 42 -11.52 -15.08 8.97
CA GLY A 42 -10.90 -14.13 9.87
C GLY A 42 -9.69 -13.41 9.30
N ALA A 43 -9.46 -13.47 7.99
CA ALA A 43 -8.24 -12.92 7.45
C ALA A 43 -8.12 -11.42 7.71
N HIS A 44 -9.24 -10.71 7.64
CA HIS A 44 -9.22 -9.27 7.79
C HIS A 44 -8.75 -8.82 9.16
N ARG A 45 -8.86 -9.69 10.16
CA ARG A 45 -8.43 -9.27 11.51
C ARG A 45 -6.96 -8.86 11.55
N ALA A 46 -6.13 -9.47 10.68
CA ALA A 46 -4.71 -9.12 10.64
C ALA A 46 -4.45 -7.75 10.01
N GLY A 47 -5.35 -7.32 9.10
CA GLY A 47 -5.11 -6.14 8.28
C GLY A 47 -4.50 -6.42 6.93
N LEU A 48 -3.97 -7.63 6.71
CA LEU A 48 -3.19 -8.01 5.54
C LEU A 48 -3.33 -9.50 5.37
N ALA A 49 -3.48 -9.97 4.11
CA ALA A 49 -3.44 -11.38 3.77
C ALA A 49 -2.60 -11.57 2.53
N LYS A 50 -1.98 -12.73 2.42
CA LYS A 50 -1.26 -13.15 1.22
C LYS A 50 -2.11 -14.14 0.43
N ILE A 51 -2.12 -13.99 -0.89
CA ILE A 51 -2.83 -14.92 -1.78
C ILE A 51 -1.84 -15.41 -2.83
N ILE A 52 -1.60 -16.71 -2.82
CA ILE A 52 -0.72 -17.34 -3.79
CA ILE A 52 -0.74 -17.39 -3.78
C ILE A 52 -1.62 -17.85 -4.92
N PRO A 53 -1.45 -17.35 -6.15
CA PRO A 53 -2.32 -17.78 -7.25
CA PRO A 53 -2.35 -17.78 -7.23
C PRO A 53 -2.13 -19.25 -7.57
N PRO A 54 -3.12 -19.89 -8.15
CA PRO A 54 -2.95 -21.28 -8.60
C PRO A 54 -1.83 -21.38 -9.62
N LYS A 55 -1.22 -22.55 -9.67
CA LYS A 55 -0.04 -22.77 -10.49
C LYS A 55 -0.34 -22.56 -11.97
N GLU A 56 -1.60 -22.69 -12.38
CA GLU A 56 -1.99 -22.54 -13.77
C GLU A 56 -2.11 -21.09 -14.20
N TRP A 57 -2.07 -20.15 -13.26
CA TRP A 57 -2.36 -18.77 -13.57
C TRP A 57 -1.09 -18.00 -13.87
N LYS A 58 -1.23 -16.97 -14.73
CA LYS A 58 -0.16 -16.01 -14.92
CA LYS A 58 -0.16 -16.04 -15.07
C LYS A 58 -0.74 -14.63 -15.22
N ALA A 59 0.01 -13.60 -14.82
CA ALA A 59 -0.42 -12.23 -15.04
C ALA A 59 -0.27 -11.82 -16.51
N ARG A 60 0.82 -12.25 -17.13
CA ARG A 60 1.12 -11.96 -18.53
C ARG A 60 2.15 -13.01 -18.95
N GLU A 61 2.51 -13.02 -20.22
CA GLU A 61 3.39 -14.08 -20.70
CA GLU A 61 3.40 -14.04 -20.76
C GLU A 61 4.84 -13.83 -20.31
N THR A 62 5.37 -12.63 -20.51
N THR A 62 5.36 -12.61 -20.46
CA THR A 62 6.73 -12.37 -20.05
CA THR A 62 6.77 -12.31 -20.26
C THR A 62 6.83 -10.92 -19.63
C THR A 62 6.91 -10.87 -19.80
N TYR A 63 7.93 -10.60 -18.98
CA TYR A 63 8.28 -9.23 -18.61
C TYR A 63 9.44 -8.73 -19.46
N ASP A 64 9.66 -9.32 -20.62
CA ASP A 64 10.82 -9.04 -21.46
CA ASP A 64 10.87 -8.99 -21.37
C ASP A 64 10.75 -7.67 -22.14
N ASN A 65 9.57 -7.03 -22.16
CA ASN A 65 9.29 -5.89 -23.03
C ASN A 65 8.88 -4.63 -22.25
N ILE A 66 9.35 -4.45 -21.01
CA ILE A 66 8.88 -3.37 -20.15
C ILE A 66 9.86 -2.22 -19.98
N SER A 67 11.03 -2.29 -20.63
CA SER A 67 12.12 -1.34 -20.34
CA SER A 67 12.06 -1.32 -20.26
C SER A 67 11.80 0.07 -20.82
N GLU A 68 10.85 0.23 -21.72
CA GLU A 68 10.54 1.53 -22.30
C GLU A 68 9.43 2.26 -21.57
N ILE A 69 8.81 1.66 -20.54
CA ILE A 69 7.93 2.39 -19.66
C ILE A 69 8.69 3.59 -19.08
N LEU A 70 8.02 4.73 -19.00
CA LEU A 70 8.63 5.92 -18.43
C LEU A 70 8.22 6.11 -16.98
N ILE A 71 9.21 6.42 -16.17
CA ILE A 71 9.02 6.90 -14.79
C ILE A 71 9.22 8.41 -14.89
N ALA A 72 8.12 9.15 -15.06
CA ALA A 72 8.21 10.58 -15.32
C ALA A 72 8.80 11.36 -14.17
N THR A 73 8.53 10.94 -12.94
CA THR A 73 8.98 11.66 -11.74
C THR A 73 9.47 10.66 -10.71
N PRO A 74 10.66 10.09 -10.89
CA PRO A 74 11.24 9.28 -9.82
C PRO A 74 11.41 10.12 -8.56
N LEU A 75 11.27 9.47 -7.42
CA LEU A 75 11.26 10.14 -6.12
C LEU A 75 12.42 9.65 -5.24
N GLN A 76 13.29 10.57 -4.86
CA GLN A 76 14.37 10.26 -3.93
C GLN A 76 13.86 10.40 -2.50
N GLN A 77 13.94 9.33 -1.71
CA GLN A 77 13.32 9.26 -0.40
C GLN A 77 14.35 9.59 0.67
N VAL A 78 14.33 10.83 1.12
CA VAL A 78 15.34 11.36 2.02
C VAL A 78 14.80 11.30 3.45
N ALA A 79 15.54 10.65 4.35
CA ALA A 79 15.09 10.44 5.72
C ALA A 79 15.63 11.49 6.70
N SER A 80 14.88 11.67 7.81
N SER A 80 14.83 11.74 7.71
CA SER A 80 15.31 12.46 8.97
CA SER A 80 15.16 12.71 8.73
C SER A 80 14.80 11.80 10.25
C SER A 80 14.79 12.08 10.04
N GLY A 81 15.60 11.86 11.32
N GLY A 81 15.77 11.91 10.93
CA GLY A 81 15.18 11.31 12.60
CA GLY A 81 15.50 11.35 12.23
C GLY A 81 16.25 10.39 13.14
C GLY A 81 16.45 10.24 12.59
N ARG A 82 15.82 9.26 13.65
N ARG A 82 15.96 9.34 13.43
CA ARG A 82 16.71 8.21 14.15
CA ARG A 82 16.71 8.25 14.05
C ARG A 82 16.38 6.93 13.40
C ARG A 82 16.38 6.94 13.34
N ALA A 83 17.24 5.93 13.56
CA ALA A 83 17.15 4.75 12.72
C ALA A 83 15.80 4.09 12.77
N GLY A 84 15.19 4.04 13.95
CA GLY A 84 13.91 3.40 14.15
C GLY A 84 12.70 4.30 14.20
N VAL A 85 12.89 5.62 14.15
CA VAL A 85 11.81 6.60 14.21
C VAL A 85 12.21 7.74 13.30
N PHE A 86 11.67 7.78 12.08
CA PHE A 86 12.11 8.77 11.11
C PHE A 86 10.96 9.15 10.19
N THR A 87 11.10 10.28 9.54
CA THR A 87 10.23 10.65 8.45
C THR A 87 11.03 10.64 7.15
N GLN A 88 10.32 10.61 6.04
CA GLN A 88 10.96 10.73 4.75
C GLN A 88 10.20 11.73 3.91
N TYR A 89 10.94 12.51 3.14
CA TYR A 89 10.35 13.38 2.13
C TYR A 89 10.82 12.94 0.77
N HIS A 90 10.05 13.32 -0.23
CA HIS A 90 10.27 12.89 -1.59
CA HIS A 90 10.27 12.88 -1.59
C HIS A 90 10.80 14.05 -2.40
N LYS A 91 12.02 13.93 -2.87
CA LYS A 91 12.65 14.89 -3.75
C LYS A 91 12.51 14.40 -5.20
N LYS A 92 11.93 15.24 -6.04
CA LYS A 92 11.70 14.85 -7.43
C LYS A 92 13.01 14.81 -8.20
N LYS A 93 13.15 13.80 -9.06
CA LYS A 93 14.30 13.63 -9.93
C LYS A 93 13.85 13.65 -11.38
N LYS A 94 14.83 13.78 -12.28
CA LYS A 94 14.53 13.78 -13.71
CA LYS A 94 14.54 13.79 -13.71
C LYS A 94 13.96 12.45 -14.17
N ALA A 95 13.12 12.50 -15.20
CA ALA A 95 12.51 11.30 -15.76
C ALA A 95 13.55 10.27 -16.21
N MET A 96 13.20 9.00 -16.07
N MET A 96 13.16 9.00 -16.13
CA MET A 96 14.00 7.91 -16.62
CA MET A 96 13.99 7.93 -16.67
C MET A 96 13.09 6.76 -17.05
C MET A 96 13.10 6.77 -17.05
N THR A 97 13.59 5.95 -17.97
CA THR A 97 12.86 4.74 -18.34
C THR A 97 13.06 3.65 -17.29
N VAL A 98 12.21 2.63 -17.34
CA VAL A 98 12.39 1.48 -16.48
C VAL A 98 13.74 0.80 -16.72
N GLY A 99 14.20 0.73 -17.97
CA GLY A 99 15.51 0.16 -18.20
C GLY A 99 16.61 0.94 -17.50
N GLU A 100 16.55 2.27 -17.59
CA GLU A 100 17.52 3.11 -16.89
C GLU A 100 17.42 2.95 -15.39
N TYR A 101 16.19 2.87 -14.88
CA TYR A 101 15.97 2.71 -13.44
C TYR A 101 16.54 1.39 -12.94
N ARG A 102 16.35 0.32 -13.69
CA ARG A 102 16.89 -0.98 -13.28
CA ARG A 102 16.89 -0.98 -13.28
C ARG A 102 18.41 -0.92 -13.22
N HIS A 103 19.02 -0.28 -14.20
CA HIS A 103 20.47 -0.12 -14.14
C HIS A 103 20.92 0.67 -12.92
N LEU A 104 20.18 1.72 -12.59
CA LEU A 104 20.50 2.51 -11.40
C LEU A 104 20.33 1.69 -10.15
N ALA A 105 19.24 0.93 -10.04
CA ALA A 105 19.00 0.09 -8.87
C ALA A 105 20.13 -0.90 -8.65
N ASN A 106 20.72 -1.40 -9.74
CA ASN A 106 21.75 -2.41 -9.67
C ASN A 106 23.16 -1.83 -9.56
N SER A 107 23.29 -0.50 -9.55
CA SER A 107 24.60 0.13 -9.46
C SER A 107 25.15 -0.07 -8.05
N LYS A 108 26.46 0.10 -7.89
CA LYS A 108 27.05 -0.11 -6.58
CA LYS A 108 27.10 -0.06 -6.59
C LYS A 108 26.42 0.78 -5.51
N LYS A 109 26.04 2.01 -5.86
CA LYS A 109 25.48 2.92 -4.86
C LYS A 109 24.17 2.42 -4.29
N TYR A 110 23.35 1.75 -5.10
CA TYR A 110 21.98 1.44 -4.75
C TYR A 110 21.66 -0.03 -4.61
N GLN A 111 22.56 -0.93 -5.02
CA GLN A 111 22.20 -2.35 -5.05
C GLN A 111 22.04 -2.95 -3.66
N THR A 112 21.29 -4.02 -3.58
CA THR A 112 21.12 -4.79 -2.36
C THR A 112 22.47 -5.29 -1.88
N PRO A 113 22.79 -5.14 -0.60
CA PRO A 113 24.08 -5.61 -0.09
C PRO A 113 24.08 -7.11 0.08
N PRO A 114 25.27 -7.71 0.18
CA PRO A 114 25.35 -9.12 0.58
C PRO A 114 24.60 -9.36 1.88
N HIS A 115 23.93 -10.50 1.96
CA HIS A 115 23.12 -10.77 3.14
C HIS A 115 22.86 -12.26 3.16
N GLN A 116 22.54 -12.78 4.35
CA GLN A 116 22.39 -14.22 4.51
C GLN A 116 20.99 -14.74 4.15
N ASN A 117 19.95 -13.96 4.45
CA ASN A 117 18.55 -14.36 4.37
C ASN A 117 17.68 -13.11 4.54
N PHE A 118 16.36 -13.28 4.47
CA PHE A 118 15.46 -12.14 4.63
C PHE A 118 15.63 -11.46 5.99
N GLU A 119 15.83 -12.22 7.06
CA GLU A 119 15.97 -11.65 8.40
CA GLU A 119 15.95 -11.61 8.38
C GLU A 119 17.20 -10.75 8.49
N ASP A 120 18.31 -11.20 7.89
CA ASP A 120 19.54 -10.41 7.90
C ASP A 120 19.32 -9.12 7.12
N LEU A 121 18.63 -9.22 5.99
CA LEU A 121 18.38 -8.04 5.20
C LEU A 121 17.46 -7.05 5.95
N GLU A 122 16.46 -7.58 6.66
CA GLU A 122 15.59 -6.74 7.49
C GLU A 122 16.38 -6.00 8.56
N ARG A 123 17.30 -6.71 9.23
CA ARG A 123 18.16 -6.07 10.22
CA ARG A 123 18.15 -6.05 10.22
C ARG A 123 18.96 -4.93 9.60
N LYS A 124 19.54 -5.18 8.43
CA LYS A 124 20.32 -4.14 7.76
C LYS A 124 19.45 -2.95 7.36
N TYR A 125 18.24 -3.22 6.88
CA TYR A 125 17.32 -2.14 6.52
C TYR A 125 17.11 -1.21 7.72
N TRP A 126 16.71 -1.76 8.87
CA TRP A 126 16.37 -0.88 9.98
C TRP A 126 17.62 -0.25 10.59
N LYS A 127 18.78 -0.91 10.51
CA LYS A 127 20.00 -0.31 11.01
C LYS A 127 20.44 0.88 10.18
N ASN A 128 20.32 0.80 8.84
CA ASN A 128 20.93 1.93 8.16
CA ASN A 128 21.03 1.65 7.90
C ASN A 128 20.14 2.47 6.97
N ARG A 129 18.84 2.25 6.94
CA ARG A 129 17.99 2.93 5.96
C ARG A 129 18.20 4.44 5.97
N ILE A 130 18.26 5.05 7.15
CA ILE A 130 18.25 6.51 7.19
C ILE A 130 19.49 7.13 6.53
N TYR A 131 20.58 6.36 6.40
CA TYR A 131 21.85 6.88 5.91
C TYR A 131 21.92 6.84 4.39
N ASN A 132 20.86 6.44 3.72
CA ASN A 132 20.81 6.37 2.27
C ASN A 132 19.51 7.01 1.79
C ASN A 132 19.52 7.03 1.79
N SER A 133 19.51 7.41 0.52
CA SER A 133 18.32 8.01 -0.07
CA SER A 133 18.29 7.98 -0.04
C SER A 133 17.97 7.32 -1.38
N PRO A 134 17.29 6.17 -1.31
CA PRO A 134 16.94 5.42 -2.52
C PRO A 134 15.92 6.16 -3.35
N ILE A 135 15.83 5.77 -4.62
CA ILE A 135 14.94 6.42 -5.59
C ILE A 135 13.86 5.42 -5.97
N TYR A 136 12.60 5.88 -5.89
N TYR A 136 12.60 5.86 -6.02
CA TYR A 136 11.40 5.05 -5.99
CA TYR A 136 11.61 4.92 -6.47
C TYR A 136 10.61 5.52 -7.21
C TYR A 136 10.56 5.55 -7.37
N GLY A 137 10.27 4.58 -8.05
N GLY A 137 10.06 4.73 -8.28
CA GLY A 137 9.42 4.87 -9.17
CA GLY A 137 9.01 5.07 -9.19
C GLY A 137 7.98 4.52 -8.86
C GLY A 137 7.70 4.72 -8.54
N ALA A 138 7.36 5.21 -7.90
N ALA A 138 6.94 5.70 -8.24
CA ALA A 138 6.00 4.96 -7.37
CA ALA A 138 5.82 5.34 -7.43
C ALA A 138 4.86 5.77 -8.06
C ALA A 138 4.64 5.92 -8.13
N ASP A 139 3.56 5.26 -7.97
CA ASP A 139 2.32 5.90 -8.36
C ASP A 139 2.25 6.23 -9.85
N ILE A 140 2.64 5.29 -10.70
CA ILE A 140 2.60 5.45 -12.15
C ILE A 140 1.31 4.82 -12.67
N SER A 141 0.39 5.62 -13.21
N SER A 141 0.45 5.63 -13.24
CA SER A 141 -0.85 5.03 -13.70
CA SER A 141 -0.79 5.08 -13.76
C SER A 141 -0.56 4.08 -14.85
C SER A 141 -0.52 4.07 -14.88
N GLY A 142 -1.09 2.87 -14.75
CA GLY A 142 -0.87 1.86 -15.77
C GLY A 142 -1.09 0.47 -15.23
N SER A 143 -0.92 -0.52 -16.12
CA SER A 143 -1.09 -1.91 -15.73
C SER A 143 -0.16 -2.78 -16.55
N LEU A 144 0.32 -3.86 -15.94
CA LEU A 144 1.09 -4.90 -16.61
C LEU A 144 0.33 -6.21 -16.76
N PHE A 145 -0.94 -6.27 -16.39
CA PHE A 145 -1.72 -7.47 -16.67
C PHE A 145 -2.08 -7.53 -18.14
N ASP A 146 -1.94 -8.71 -18.73
CA ASP A 146 -2.42 -8.95 -20.09
C ASP A 146 -3.94 -8.79 -20.11
N GLU A 147 -4.45 -8.15 -21.16
CA GLU A 147 -5.90 -7.96 -21.24
C GLU A 147 -6.63 -9.29 -21.26
N ASN A 148 -5.95 -10.36 -21.71
CA ASN A 148 -6.57 -11.69 -21.75
C ASN A 148 -6.52 -12.43 -20.42
N THR A 149 -5.85 -11.89 -19.40
CA THR A 149 -5.88 -12.50 -18.08
C THR A 149 -7.22 -12.17 -17.44
N LYS A 150 -8.05 -13.19 -17.23
CA LYS A 150 -9.41 -12.95 -16.77
C LYS A 150 -9.57 -13.01 -15.27
N GLN A 151 -8.64 -13.64 -14.56
CA GLN A 151 -8.74 -13.82 -13.12
C GLN A 151 -7.76 -12.87 -12.42
N TRP A 152 -8.28 -12.15 -11.43
CA TRP A 152 -7.46 -11.31 -10.56
C TRP A 152 -6.63 -10.32 -11.37
N ASN A 153 -7.23 -9.78 -12.42
CA ASN A 153 -6.62 -8.74 -13.23
C ASN A 153 -6.95 -7.39 -12.60
N LEU A 154 -5.95 -6.71 -12.05
CA LEU A 154 -6.19 -5.51 -11.25
CA LEU A 154 -6.17 -5.51 -11.26
C LEU A 154 -6.70 -4.34 -12.07
N GLY A 155 -6.65 -4.42 -13.39
CA GLY A 155 -7.28 -3.41 -14.22
C GLY A 155 -8.70 -3.70 -14.61
N HIS A 156 -9.27 -4.83 -14.17
CA HIS A 156 -10.62 -5.25 -14.52
C HIS A 156 -11.49 -5.51 -13.29
N LEU A 157 -11.18 -4.92 -12.15
CA LEU A 157 -12.01 -5.14 -10.98
C LEU A 157 -13.24 -4.24 -10.99
N GLY A 158 -14.27 -4.66 -10.27
CA GLY A 158 -15.40 -3.75 -10.06
C GLY A 158 -14.94 -2.47 -9.39
N THR A 159 -15.55 -1.35 -9.80
CA THR A 159 -15.07 -0.06 -9.34
C THR A 159 -15.66 0.30 -7.99
N ILE A 160 -14.97 1.17 -7.27
CA ILE A 160 -15.50 1.63 -6.00
CA ILE A 160 -15.46 1.66 -6.00
C ILE A 160 -16.75 2.45 -6.22
N GLN A 161 -16.82 3.20 -7.31
CA GLN A 161 -18.01 3.99 -7.61
C GLN A 161 -19.23 3.09 -7.79
N ASP A 162 -19.04 1.97 -8.51
CA ASP A 162 -20.16 1.05 -8.70
C ASP A 162 -20.52 0.37 -7.39
N LEU A 163 -19.55 0.06 -6.53
CA LEU A 163 -19.86 -0.53 -5.22
C LEU A 163 -20.71 0.44 -4.41
N LEU A 164 -20.31 1.71 -4.34
CA LEU A 164 -21.07 2.69 -3.57
CA LEU A 164 -21.10 2.68 -3.59
C LEU A 164 -22.48 2.81 -4.16
N GLU A 165 -22.59 2.82 -5.49
CA GLU A 165 -23.91 2.91 -6.09
C GLU A 165 -24.75 1.69 -5.76
N LYS A 166 -24.16 0.49 -5.82
CA LYS A 166 -24.92 -0.72 -5.53
C LYS A 166 -25.37 -0.75 -4.08
N GLU A 167 -24.53 -0.28 -3.16
CA GLU A 167 -24.84 -0.39 -1.75
C GLU A 167 -25.77 0.70 -1.26
N CYS A 168 -25.62 1.94 -1.74
N CYS A 168 -25.56 1.93 -1.78
CA CYS A 168 -26.45 2.99 -1.17
CA CYS A 168 -26.20 3.11 -1.24
C CYS A 168 -27.32 3.70 -2.20
C CYS A 168 -27.16 3.78 -2.21
N GLY A 169 -27.23 3.34 -3.46
CA GLY A 169 -28.16 3.86 -4.43
C GLY A 169 -27.75 5.13 -5.09
N VAL A 170 -26.57 5.66 -4.79
CA VAL A 170 -26.15 6.97 -5.28
C VAL A 170 -25.18 6.78 -6.44
N VAL A 171 -25.43 7.42 -7.51
CA VAL A 171 -24.56 7.42 -8.66
C VAL A 171 -23.57 8.59 -8.53
N ILE A 172 -22.29 8.31 -8.71
CA ILE A 172 -21.24 9.31 -8.52
C ILE A 172 -20.25 9.31 -9.68
N GLU A 173 -19.65 10.47 -9.91
CA GLU A 173 -18.50 10.59 -10.80
C GLU A 173 -17.28 9.93 -10.20
N GLY A 174 -16.27 9.72 -11.04
CA GLY A 174 -14.98 9.24 -10.62
C GLY A 174 -14.64 7.93 -11.26
N VAL A 175 -13.32 7.67 -11.28
N VAL A 175 -13.33 7.67 -11.28
CA VAL A 175 -12.78 6.44 -11.86
CA VAL A 175 -12.80 6.45 -11.83
C VAL A 175 -11.79 5.79 -10.85
C VAL A 175 -11.60 6.10 -10.98
N ASN A 176 -11.28 4.63 -11.19
N ASN A 176 -11.32 4.83 -10.89
CA ASN A 176 -10.52 3.76 -10.24
CA ASN A 176 -10.09 4.40 -10.30
C ASN A 176 -9.58 2.94 -11.13
C ASN A 176 -9.53 3.27 -11.13
N THR A 177 -8.27 3.39 -11.33
CA THR A 177 -7.38 2.60 -12.18
C THR A 177 -6.11 2.23 -11.41
N PRO A 178 -5.38 1.21 -11.86
CA PRO A 178 -4.22 0.74 -11.11
C PRO A 178 -3.01 1.65 -11.26
N TYR A 179 -2.07 1.42 -10.36
CA TYR A 179 -0.78 2.07 -10.35
C TYR A 179 0.35 1.04 -10.34
N LEU A 180 1.44 1.41 -10.99
CA LEU A 180 2.69 0.69 -11.00
C LEU A 180 3.69 1.35 -10.08
N TYR A 181 4.56 0.51 -9.51
CA TYR A 181 5.61 0.91 -8.59
C TYR A 181 6.87 0.17 -8.99
N PHE A 182 7.91 0.89 -9.30
CA PHE A 182 9.24 0.32 -9.55
C PHE A 182 10.10 0.66 -8.37
N GLY A 183 10.63 -0.36 -7.71
CA GLY A 183 11.36 -0.20 -6.47
C GLY A 183 12.81 -0.61 -6.58
N MET A 184 13.57 -0.25 -5.56
CA MET A 184 14.96 -0.66 -5.40
C MET A 184 15.20 -0.90 -3.90
N TRP A 185 16.37 -1.43 -3.57
CA TRP A 185 16.74 -1.65 -2.18
C TRP A 185 16.48 -0.40 -1.36
N LYS A 186 15.85 -0.60 -0.20
CA LYS A 186 15.56 0.42 0.80
C LYS A 186 14.41 1.35 0.43
N THR A 187 13.83 1.28 -0.76
CA THR A 187 12.62 2.02 -1.05
CA THR A 187 12.64 2.08 -1.02
C THR A 187 11.58 1.65 -0.02
N THR A 188 10.86 2.65 0.48
CA THR A 188 10.08 2.54 1.70
C THR A 188 8.68 3.07 1.52
N PHE A 189 7.67 2.33 2.01
N PHE A 189 7.76 2.41 2.21
CA PHE A 189 6.33 2.88 2.16
CA PHE A 189 6.36 2.78 2.27
C PHE A 189 6.05 3.11 3.65
C PHE A 189 6.04 3.09 3.72
N ALA A 190 5.70 4.35 3.97
CA ALA A 190 5.46 4.79 5.31
C ALA A 190 4.16 4.20 5.89
N TRP A 191 4.03 4.29 7.21
CA TRP A 191 2.80 3.82 7.89
C TRP A 191 1.57 4.57 7.42
N HIS A 192 0.56 3.83 6.97
CA HIS A 192 -0.66 4.46 6.51
C HIS A 192 -1.78 3.44 6.43
N THR A 193 -3.03 3.96 6.40
CA THR A 193 -4.16 3.23 5.85
C THR A 193 -4.47 3.83 4.48
N GLU A 194 -5.32 3.15 3.70
CA GLU A 194 -5.66 3.67 2.38
C GLU A 194 -6.60 4.86 2.51
N ASP A 195 -6.68 5.64 1.41
CA ASP A 195 -7.68 6.70 1.30
C ASP A 195 -9.04 6.13 1.69
N MET A 196 -9.76 6.88 2.52
CA MET A 196 -11.12 6.49 2.94
C MET A 196 -11.16 5.09 3.60
N ASP A 197 -10.00 4.64 4.10
CA ASP A 197 -9.86 3.32 4.70
C ASP A 197 -10.35 2.21 3.79
N LEU A 198 -10.09 2.35 2.48
CA LEU A 198 -10.38 1.33 1.49
C LEU A 198 -9.49 0.09 1.68
N TYR A 199 -9.89 -0.98 0.99
CA TYR A 199 -8.98 -2.10 0.77
C TYR A 199 -7.93 -1.71 -0.24
N SER A 200 -6.80 -2.45 -0.27
CA SER A 200 -5.91 -2.41 -1.42
CA SER A 200 -5.90 -2.42 -1.40
C SER A 200 -5.58 -3.85 -1.81
N ILE A 201 -5.24 -4.01 -3.07
CA ILE A 201 -4.67 -5.25 -3.57
C ILE A 201 -3.40 -4.92 -4.33
N ASN A 202 -2.44 -5.80 -4.20
N ASN A 202 -2.35 -5.68 -4.05
CA ASN A 202 -1.05 -5.53 -4.55
CA ASN A 202 -1.00 -5.45 -4.58
C ASN A 202 -0.47 -6.79 -5.16
C ASN A 202 -0.48 -6.76 -5.16
N TYR A 203 -0.03 -6.71 -6.39
CA TYR A 203 0.61 -7.85 -7.07
C TYR A 203 2.06 -7.53 -7.33
N LEU A 204 2.97 -8.39 -6.90
CA LEU A 204 4.39 -8.22 -7.17
CA LEU A 204 4.40 -8.23 -7.16
C LEU A 204 4.71 -8.92 -8.48
N HIS A 205 4.80 -8.13 -9.56
CA HIS A 205 4.96 -8.71 -10.89
C HIS A 205 6.31 -9.40 -11.08
N LEU A 206 7.39 -8.78 -10.58
CA LEU A 206 8.73 -9.22 -10.93
C LEU A 206 9.73 -8.68 -9.93
N GLY A 207 10.84 -9.38 -9.82
CA GLY A 207 11.99 -8.92 -9.09
C GLY A 207 12.01 -9.32 -7.64
N GLU A 208 12.69 -8.50 -6.85
CA GLU A 208 13.03 -8.83 -5.47
C GLU A 208 11.85 -8.59 -4.54
N PRO A 209 11.91 -9.16 -3.32
CA PRO A 209 10.74 -9.12 -2.44
C PRO A 209 10.40 -7.75 -1.89
N LYS A 210 9.22 -7.73 -1.25
CA LYS A 210 8.73 -6.58 -0.50
CA LYS A 210 8.74 -6.58 -0.49
C LYS A 210 8.33 -7.09 0.88
N THR A 211 8.93 -6.50 1.95
CA THR A 211 8.55 -6.84 3.31
C THR A 211 7.49 -5.86 3.80
N TRP A 212 6.46 -6.40 4.43
CA TRP A 212 5.32 -5.68 4.96
C TRP A 212 5.23 -5.81 6.47
N TYR A 213 4.81 -4.73 7.11
CA TYR A 213 4.40 -4.68 8.52
C TYR A 213 2.95 -4.21 8.55
N VAL A 214 2.17 -4.74 9.49
CA VAL A 214 0.74 -4.41 9.53
C VAL A 214 0.23 -4.46 10.97
N VAL A 215 -0.61 -3.50 11.30
CA VAL A 215 -1.31 -3.45 12.59
C VAL A 215 -2.76 -3.90 12.39
N PRO A 216 -3.27 -4.81 13.22
CA PRO A 216 -4.68 -5.21 13.09
C PRO A 216 -5.59 -4.01 13.11
N PRO A 217 -6.63 -4.00 12.26
CA PRO A 217 -7.58 -2.86 12.29
C PRO A 217 -8.14 -2.57 13.67
N GLU A 218 -8.43 -3.60 14.46
CA GLU A 218 -8.98 -3.36 15.79
C GLU A 218 -8.02 -2.64 16.71
N HIS A 219 -6.75 -2.55 16.36
CA HIS A 219 -5.73 -1.88 17.16
C HIS A 219 -5.12 -0.67 16.48
N GLY A 220 -5.72 -0.17 15.40
CA GLY A 220 -5.13 0.95 14.69
C GLY A 220 -4.93 2.17 15.54
N GLN A 221 -5.85 2.42 16.47
N GLN A 221 -5.86 2.43 16.47
CA GLN A 221 -5.73 3.61 17.31
CA GLN A 221 -5.73 3.63 17.31
C GLN A 221 -4.50 3.56 18.19
C GLN A 221 -4.53 3.56 18.25
N ARG A 222 -4.05 2.36 18.57
CA ARG A 222 -2.82 2.24 19.36
C ARG A 222 -1.63 2.77 18.57
N LEU A 223 -1.57 2.43 17.27
CA LEU A 223 -0.49 2.95 16.44
CA LEU A 223 -0.52 2.95 16.41
C LEU A 223 -0.61 4.47 16.31
N GLU A 224 -1.82 4.97 16.12
CA GLU A 224 -2.00 6.42 16.02
C GLU A 224 -1.51 7.13 17.28
N ARG A 225 -1.83 6.60 18.45
CA ARG A 225 -1.41 7.25 19.69
CA ARG A 225 -1.40 7.23 19.69
C ARG A 225 0.11 7.24 19.81
N LEU A 226 0.76 6.14 19.46
CA LEU A 226 2.22 6.14 19.50
C LEU A 226 2.79 7.14 18.50
N ALA A 227 2.23 7.19 17.29
CA ALA A 227 2.72 8.11 16.29
C ALA A 227 2.62 9.54 16.79
N ARG A 228 1.53 9.89 17.46
CA ARG A 228 1.43 11.26 17.97
CA ARG A 228 1.39 11.25 18.01
C ARG A 228 2.51 11.56 18.99
N GLU A 229 2.87 10.58 19.82
CA GLU A 229 3.94 10.75 20.79
C GLU A 229 5.29 10.88 20.09
N LEU A 230 5.54 10.10 19.05
CA LEU A 230 6.85 10.04 18.43
C LEU A 230 7.08 11.16 17.42
N PHE A 231 6.03 11.77 16.89
CA PHE A 231 6.12 12.85 15.90
C PHE A 231 5.28 14.01 16.40
N PRO A 232 5.70 14.65 17.49
CA PRO A 232 4.79 15.57 18.17
C PRO A 232 4.49 16.83 17.35
N GLY A 233 5.47 17.41 16.68
CA GLY A 233 5.20 18.55 15.81
C GLY A 233 4.25 18.21 14.69
N SER A 234 4.45 17.06 14.06
CA SER A 234 3.56 16.67 12.98
C SER A 234 2.15 16.52 13.47
N SER A 235 1.99 15.91 14.65
CA SER A 235 0.67 15.72 15.22
C SER A 235 -0.01 17.05 15.50
N ARG A 236 0.73 18.05 15.99
CA ARG A 236 0.13 19.36 16.22
C ARG A 236 -0.33 19.99 14.91
N GLY A 237 0.37 19.72 13.81
CA GLY A 237 0.02 20.31 12.54
C GLY A 237 -1.21 19.69 11.90
N CYS A 238 -1.51 18.43 12.21
CA CYS A 238 -2.62 17.76 11.55
C CYS A 238 -3.08 16.58 12.40
N GLY A 239 -4.39 16.52 12.66
CA GLY A 239 -5.03 15.47 13.42
C GLY A 239 -5.09 14.14 12.72
N ALA A 240 -4.64 14.06 11.47
CA ALA A 240 -4.56 12.82 10.71
C ALA A 240 -3.26 12.79 9.92
N PHE A 241 -2.14 13.13 10.56
CA PHE A 241 -0.89 13.31 9.82
C PHE A 241 -0.37 12.02 9.22
N LEU A 242 -0.79 10.84 9.73
CA LEU A 242 -0.32 9.62 9.08
C LEU A 242 -0.81 9.57 7.63
N ARG A 243 -1.88 10.30 7.28
CA ARG A 243 -2.40 10.49 5.92
CA ARG A 243 -2.20 10.20 5.88
C ARG A 243 -1.32 11.04 4.99
N HIS A 244 -0.33 11.75 5.55
CA HIS A 244 0.71 12.33 4.74
C HIS A 244 1.65 11.27 4.20
N LYS A 245 1.65 10.08 4.79
CA LYS A 245 2.46 8.97 4.32
C LYS A 245 3.95 9.32 4.34
N VAL A 246 4.43 9.77 5.50
CA VAL A 246 5.82 10.10 5.67
C VAL A 246 6.51 9.50 6.89
N ALA A 247 5.78 8.86 7.81
CA ALA A 247 6.34 8.44 9.10
C ALA A 247 6.66 6.95 9.13
N LEU A 248 7.86 6.64 9.63
CA LEU A 248 8.32 5.26 9.82
C LEU A 248 8.64 5.02 11.29
N ILE A 249 8.24 3.84 11.76
CA ILE A 249 8.50 3.34 13.11
C ILE A 249 8.91 1.88 12.92
N SER A 250 10.05 1.49 13.49
CA SER A 250 10.58 0.16 13.28
C SER A 250 9.86 -0.89 14.12
N PRO A 251 10.00 -2.16 13.75
CA PRO A 251 9.41 -3.23 14.58
C PRO A 251 9.95 -3.22 16.00
N THR A 252 11.23 -2.89 16.18
CA THR A 252 11.77 -2.83 17.54
C THR A 252 11.06 -1.79 18.37
N VAL A 253 10.83 -0.61 17.81
CA VAL A 253 10.14 0.45 18.54
C VAL A 253 8.69 0.08 18.80
N LEU A 254 8.03 -0.55 17.82
CA LEU A 254 6.67 -1.00 18.05
C LEU A 254 6.60 -2.00 19.21
N LYS A 255 7.52 -2.96 19.23
CA LYS A 255 7.54 -3.94 20.32
CA LYS A 255 7.55 -3.94 20.32
C LYS A 255 7.81 -3.27 21.65
N GLU A 256 8.76 -2.33 21.68
CA GLU A 256 9.08 -1.63 22.92
C GLU A 256 7.86 -0.93 23.50
N ASN A 257 6.97 -0.49 22.62
CA ASN A 257 5.77 0.26 23.01
C ASN A 257 4.52 -0.59 23.04
N GLY A 258 4.65 -1.91 22.95
CA GLY A 258 3.50 -2.78 23.07
C GLY A 258 2.51 -2.70 21.94
N ILE A 259 2.90 -2.25 20.75
CA ILE A 259 1.92 -2.12 19.67
C ILE A 259 1.76 -3.48 18.99
N PRO A 260 0.54 -4.00 18.87
CA PRO A 260 0.41 -5.28 18.17
CA PRO A 260 0.30 -5.27 18.15
C PRO A 260 0.62 -5.09 16.67
N PHE A 261 1.43 -5.97 16.10
CA PHE A 261 1.70 -5.93 14.67
C PHE A 261 2.18 -7.30 14.21
N ASN A 262 2.20 -7.47 12.91
CA ASN A 262 2.75 -8.65 12.27
C ASN A 262 3.60 -8.22 11.07
N ARG A 263 4.40 -9.16 10.57
CA ARG A 263 5.22 -8.93 9.42
C ARG A 263 5.18 -10.13 8.48
N ILE A 264 5.43 -9.87 7.19
CA ILE A 264 5.52 -10.95 6.21
C ILE A 264 6.25 -10.40 4.99
N THR A 265 6.93 -11.27 4.26
CA THR A 265 7.58 -10.93 3.02
C THR A 265 6.83 -11.48 1.83
N GLN A 266 6.52 -10.61 0.88
CA GLN A 266 5.87 -10.94 -0.38
C GLN A 266 6.93 -11.15 -1.45
N GLU A 267 6.79 -12.23 -2.21
CA GLU A 267 7.68 -12.53 -3.31
C GLU A 267 6.97 -12.41 -4.65
N ALA A 268 7.76 -12.33 -5.71
CA ALA A 268 7.21 -12.15 -7.04
C ALA A 268 6.20 -13.26 -7.32
N GLY A 269 5.09 -12.88 -7.94
CA GLY A 269 4.03 -13.82 -8.26
C GLY A 269 2.96 -13.93 -7.20
N GLU A 270 3.05 -13.17 -6.12
CA GLU A 270 2.12 -13.23 -5.01
C GLU A 270 1.32 -11.94 -4.89
N PHE A 271 0.05 -12.08 -4.48
CA PHE A 271 -0.81 -10.97 -4.14
C PHE A 271 -0.83 -10.75 -2.64
N MET A 272 -0.98 -9.47 -2.26
CA MET A 272 -1.28 -9.07 -0.89
C MET A 272 -2.53 -8.21 -0.92
N VAL A 273 -3.46 -8.48 0.00
CA VAL A 273 -4.64 -7.63 0.21
C VAL A 273 -4.49 -6.97 1.56
N THR A 274 -4.66 -5.65 1.58
CA THR A 274 -4.84 -4.92 2.84
C THR A 274 -6.33 -4.64 3.03
N PHE A 275 -6.75 -4.72 4.28
CA PHE A 275 -8.14 -4.61 4.66
C PHE A 275 -8.44 -3.24 5.24
N PRO A 276 -9.69 -2.82 5.25
CA PRO A 276 -10.02 -1.47 5.76
C PRO A 276 -9.42 -1.20 7.13
N TYR A 277 -8.76 -0.05 7.22
CA TYR A 277 -8.18 0.45 8.45
C TYR A 277 -7.03 -0.41 8.95
N GLY A 278 -6.40 -1.20 8.07
CA GLY A 278 -5.20 -1.94 8.39
C GLY A 278 -3.98 -1.09 8.08
N TYR A 279 -3.35 -0.51 9.11
CA TYR A 279 -2.14 0.27 8.91
C TYR A 279 -1.05 -0.65 8.42
N HIS A 280 -0.28 -0.19 7.44
CA HIS A 280 0.84 -0.96 6.91
C HIS A 280 1.97 -0.04 6.49
N ALA A 281 3.17 -0.64 6.43
CA ALA A 281 4.42 0.00 6.05
C ALA A 281 5.34 -1.10 5.54
N GLY A 282 6.43 -0.72 4.91
CA GLY A 282 7.38 -1.76 4.49
C GLY A 282 8.45 -1.23 3.57
N PHE A 283 9.17 -2.17 2.96
CA PHE A 283 10.32 -1.81 2.14
C PHE A 283 10.58 -2.88 1.09
N ASN A 284 11.25 -2.45 0.03
CA ASN A 284 11.67 -3.33 -1.05
C ASN A 284 13.10 -3.82 -0.87
N HIS A 285 13.32 -5.08 -1.26
CA HIS A 285 14.61 -5.72 -1.07
C HIS A 285 15.62 -5.38 -2.16
N GLY A 286 15.15 -4.93 -3.31
CA GLY A 286 15.96 -4.77 -4.50
C GLY A 286 15.04 -4.36 -5.63
N PHE A 287 15.55 -4.36 -6.86
CA PHE A 287 14.74 -3.97 -8.01
C PHE A 287 13.49 -4.84 -8.10
N ASN A 288 12.35 -4.18 -8.23
CA ASN A 288 11.10 -4.91 -8.40
C ASN A 288 10.05 -4.01 -9.05
N CYS A 289 8.94 -4.64 -9.43
CA CYS A 289 7.79 -3.93 -9.97
C CYS A 289 6.53 -4.51 -9.37
N ALA A 290 5.71 -3.67 -8.76
CA ALA A 290 4.43 -4.05 -8.21
C ALA A 290 3.33 -3.23 -8.87
N GLU A 291 2.12 -3.78 -8.84
CA GLU A 291 0.92 -3.09 -9.30
C GLU A 291 -0.11 -3.15 -8.17
N ALA A 292 -0.81 -2.04 -7.96
CA ALA A 292 -1.76 -1.99 -6.86
C ALA A 292 -2.95 -1.11 -7.24
N ILE A 293 -4.07 -1.37 -6.58
CA ILE A 293 -5.28 -0.56 -6.74
C ILE A 293 -6.09 -0.69 -5.44
N ASN A 294 -6.85 0.35 -5.13
CA ASN A 294 -7.81 0.29 -4.05
C ASN A 294 -9.12 -0.31 -4.55
N PHE A 295 -9.84 -0.97 -3.63
CA PHE A 295 -11.15 -1.51 -3.95
C PHE A 295 -12.01 -1.50 -2.70
N ALA A 296 -13.29 -1.74 -2.93
CA ALA A 296 -14.29 -1.76 -1.88
C ALA A 296 -15.16 -3.01 -1.96
N THR A 297 -15.78 -3.33 -0.84
CA THR A 297 -16.78 -4.38 -0.72
C THR A 297 -17.90 -3.79 0.15
N PRO A 298 -19.01 -4.49 0.30
CA PRO A 298 -20.05 -3.98 1.20
C PRO A 298 -19.56 -3.70 2.62
N ARG A 299 -18.65 -4.51 3.14
CA ARG A 299 -18.15 -4.34 4.49
CA ARG A 299 -18.14 -4.33 4.49
C ARG A 299 -17.33 -3.05 4.64
N TRP A 300 -16.81 -2.52 3.55
CA TRP A 300 -16.03 -1.28 3.62
C TRP A 300 -16.88 -0.07 3.99
N ILE A 301 -18.16 -0.04 3.61
CA ILE A 301 -18.95 1.19 3.72
CA ILE A 301 -18.86 1.23 3.71
C ILE A 301 -18.84 1.80 5.12
N ASP A 302 -18.98 0.99 6.15
N ASP A 302 -19.01 0.95 6.16
CA ASP A 302 -18.96 1.57 7.48
CA ASP A 302 -18.90 1.41 7.55
C ASP A 302 -17.58 2.09 7.87
C ASP A 302 -17.59 2.12 7.78
N TYR A 303 -16.51 1.53 7.31
CA TYR A 303 -15.18 2.12 7.49
C TYR A 303 -15.05 3.44 6.74
N GLY A 304 -15.57 3.50 5.52
CA GLY A 304 -15.49 4.75 4.78
C GLY A 304 -16.21 5.88 5.48
N LYS A 305 -17.34 5.59 6.12
CA LYS A 305 -18.02 6.70 6.76
CA LYS A 305 -18.12 6.57 6.89
C LYS A 305 -17.36 7.14 8.06
N MET A 306 -16.45 6.35 8.63
CA MET A 306 -15.74 6.70 9.85
C MET A 306 -14.31 7.15 9.62
N ALA A 307 -13.81 7.10 8.39
CA ALA A 307 -12.40 7.34 8.13
C ALA A 307 -12.00 8.75 8.52
N SER A 308 -10.87 8.88 9.19
N SER A 308 -10.86 8.86 9.18
CA SER A 308 -10.37 10.18 9.66
CA SER A 308 -10.33 10.16 9.45
C SER A 308 -9.58 10.84 8.52
C SER A 308 -9.96 10.84 8.15
N GLN A 309 -9.83 12.14 8.26
CA GLN A 309 -9.35 12.86 7.11
C GLN A 309 -8.32 13.92 7.47
N CYS A 310 -7.39 14.12 6.54
CA CYS A 310 -6.47 15.24 6.57
C CYS A 310 -7.10 16.41 5.83
N SER A 311 -7.20 17.54 6.51
CA SER A 311 -7.67 18.77 5.92
CA SER A 311 -7.64 18.77 5.88
C SER A 311 -6.60 19.87 6.00
N CYS A 312 -5.34 19.53 6.35
CA CYS A 312 -4.30 20.54 6.54
C CYS A 312 -3.66 21.00 5.24
N GLY A 313 -3.94 20.32 4.12
CA GLY A 313 -3.30 20.60 2.86
C GLY A 313 -2.29 19.57 2.42
N GLU A 314 -1.70 18.83 3.36
CA GLU A 314 -0.56 18.02 2.94
C GLU A 314 -1.01 16.83 2.11
N ALA A 315 -2.09 16.17 2.52
CA ALA A 315 -2.53 14.93 1.87
C ALA A 315 -3.49 15.25 0.72
N ARG A 316 -2.94 15.84 -0.34
CA ARG A 316 -3.73 16.01 -1.54
C ARG A 316 -3.90 14.65 -2.23
N VAL A 317 -5.08 14.42 -2.81
CA VAL A 317 -5.45 13.11 -3.34
C VAL A 317 -6.30 13.28 -4.61
N THR A 318 -6.56 12.12 -5.26
CA THR A 318 -7.28 12.06 -6.52
C THR A 318 -8.64 12.72 -6.41
N PHE A 319 -9.12 13.30 -7.51
N PHE A 319 -9.15 13.27 -7.53
CA PHE A 319 -10.46 13.88 -7.46
CA PHE A 319 -10.49 13.83 -7.46
C PHE A 319 -11.54 12.82 -7.25
C PHE A 319 -11.56 12.76 -7.23
N SER A 320 -11.23 11.54 -7.42
N SER A 320 -11.26 11.46 -7.39
CA SER A 320 -12.25 10.52 -7.17
CA SER A 320 -12.25 10.44 -7.12
C SER A 320 -12.61 10.42 -5.69
C SER A 320 -12.65 10.44 -5.65
N MET A 321 -11.75 10.89 -4.78
CA MET A 321 -12.12 10.84 -3.38
CA MET A 321 -12.03 10.95 -3.35
C MET A 321 -13.16 11.89 -3.02
N ASP A 322 -13.35 12.93 -3.85
CA ASP A 322 -14.35 13.96 -3.57
C ASP A 322 -15.71 13.34 -3.29
N ALA A 323 -16.18 12.47 -4.19
CA ALA A 323 -17.51 11.93 -4.05
C ALA A 323 -17.60 11.05 -2.84
N PHE A 324 -16.53 10.34 -2.48
CA PHE A 324 -16.59 9.48 -1.30
CA PHE A 324 -16.63 9.50 -1.29
C PHE A 324 -16.80 10.32 -0.03
N VAL A 325 -16.06 11.41 0.11
CA VAL A 325 -16.24 12.28 1.27
C VAL A 325 -17.60 12.95 1.21
N ARG A 326 -17.96 13.45 0.04
CA ARG A 326 -19.21 14.18 -0.13
C ARG A 326 -20.43 13.34 0.27
N ILE A 327 -20.46 12.07 -0.13
CA ILE A 327 -21.61 11.22 0.16
C ILE A 327 -21.50 10.58 1.54
N LEU A 328 -20.35 10.03 1.90
CA LEU A 328 -20.22 9.29 3.15
C LEU A 328 -19.99 10.17 4.36
N GLN A 329 -19.40 11.36 4.17
N GLN A 329 -19.35 11.32 4.20
CA GLN A 329 -18.98 12.22 5.28
CA GLN A 329 -19.03 12.21 5.31
C GLN A 329 -19.41 13.67 5.05
C GLN A 329 -19.39 13.64 4.95
N PRO A 330 -20.69 13.92 4.79
CA PRO A 330 -21.09 15.28 4.40
C PRO A 330 -20.70 16.34 5.42
N GLU A 331 -20.70 16.03 6.72
CA GLU A 331 -20.33 17.05 7.68
CA GLU A 331 -20.32 17.04 7.72
C GLU A 331 -18.87 17.46 7.55
N ARG A 332 -18.00 16.56 7.11
CA ARG A 332 -16.58 16.83 6.98
C ARG A 332 -16.21 17.41 5.63
N TYR A 333 -17.13 17.39 4.68
CA TYR A 333 -16.80 17.66 3.29
C TYR A 333 -16.23 19.06 3.09
N ASP A 334 -16.90 20.09 3.63
CA ASP A 334 -16.43 21.46 3.38
C ASP A 334 -14.99 21.66 3.84
N LEU A 335 -14.68 21.22 5.05
CA LEU A 335 -13.31 21.34 5.57
C LEU A 335 -12.31 20.54 4.74
N TRP A 336 -12.64 19.30 4.41
CA TRP A 336 -11.72 18.49 3.63
C TRP A 336 -11.47 19.13 2.28
N LYS A 337 -12.52 19.66 1.67
CA LYS A 337 -12.40 20.28 0.36
C LYS A 337 -11.50 21.50 0.40
N ARG A 338 -11.60 22.30 1.47
CA ARG A 338 -10.67 23.41 1.63
C ARG A 338 -9.22 22.91 1.62
N GLY A 339 -8.97 21.77 2.27
CA GLY A 339 -7.63 21.20 2.25
C GLY A 339 -7.15 20.77 0.87
N GLN A 340 -8.06 20.47 -0.04
CA GLN A 340 -7.69 20.02 -1.38
C GLN A 340 -7.44 21.23 -2.29
ZN ZN B . -2.70 16.81 7.16
CL CL C . 22.76 -1.72 4.20
NA NA D . 1.49 -11.59 16.19
C1 EDO E . 25.51 -4.98 9.28
C1 EDO E . 26.08 -5.07 9.37
O1 EDO E . 25.55 -4.68 10.68
O1 EDO E . 24.84 -5.68 8.98
C2 EDO E . 26.14 -3.79 8.58
C2 EDO E . 26.03 -3.61 8.96
O2 EDO E . 25.23 -3.27 7.61
O2 EDO E . 25.32 -3.44 7.72
C1 EDO F . -10.99 -9.29 -12.86
O1 EDO F . -10.00 -10.22 -13.21
C2 EDO F . -11.91 -9.79 -11.77
O2 EDO F . -12.61 -10.96 -12.18
C1 EDO G . 12.97 -7.44 15.49
O1 EDO G . 12.71 -6.98 14.18
C2 EDO G . 12.16 -6.70 16.54
O2 EDO G . 10.79 -7.07 16.42
C1 EDO H . -25.43 5.73 3.53
O1 EDO H . -25.56 4.67 4.47
C2 EDO H . -26.72 5.72 2.74
O2 EDO H . -27.15 4.41 2.35
C1 EDO I . 14.61 -5.17 12.92
O1 EDO I . 14.69 -6.35 12.11
C2 EDO I . 15.98 -4.70 13.39
O2 EDO I . 16.76 -5.76 14.00
C1 EDO J . 10.25 -10.35 7.71
O1 EDO J . 9.26 -10.88 6.80
C2 EDO J . 11.68 -10.68 7.29
O2 EDO J . 11.55 -11.92 6.60
C1 EDO K . -13.36 -20.75 -1.43
O1 EDO K . -13.96 -22.04 -1.33
C2 EDO K . -14.42 -19.73 -1.88
O2 EDO K . -14.67 -19.79 -3.29
C1 EDO L . -3.38 0.98 -3.84
C1 EDO L . -3.29 1.02 -3.91
O1 EDO L . -2.87 1.19 -2.53
O1 EDO L . -2.86 1.19 -2.56
C2 EDO L . -3.09 2.17 -4.74
C2 EDO L . -2.87 2.19 -4.77
O2 EDO L . -1.68 2.41 -4.70
O2 EDO L . -3.09 3.39 -4.03
C1 EDO M . 19.35 -19.26 6.30
O1 EDO M . 20.23 -18.25 5.84
C2 EDO M . 20.24 -20.35 6.86
O2 EDO M . 20.75 -19.84 8.09
S SO4 N . 4.87 -10.08 -23.44
O1 SO4 N . 6.03 -10.97 -23.55
O2 SO4 N . 4.11 -10.44 -22.26
O3 SO4 N . 5.26 -8.66 -23.37
O4 SO4 N . 4.03 -10.27 -24.62
NI NI O . -1.09 1.07 1.10
CAE FJ8 P . 3.21 0.09 -1.28
CAF FJ8 P . 2.24 -0.93 -0.68
CAG FJ8 P . 0.91 -0.31 -0.21
NAA FJ8 P . 4.91 0.88 -2.21
NAB FJ8 P . 4.15 1.87 -1.94
NAC FJ8 P . 4.35 -0.23 -1.82
NAD FJ8 P . 3.06 1.37 -1.34
NAI FJ8 P . -0.19 -0.84 -0.78
NAJ FJ8 P . -1.41 -0.40 -0.35
OAH FJ8 P . 0.83 0.58 0.62
CAE FJ8 Q . 19.08 -6.49 -7.28
CAF FJ8 Q . 18.69 -7.84 -7.88
CAG FJ8 Q . 17.94 -7.63 -9.20
CAK FJ8 Q . 15.31 -9.18 -10.91
CAL FJ8 Q . 14.73 -8.19 -13.06
CAM FJ8 Q . 14.55 -9.12 -12.07
CAN FJ8 Q . 13.58 -10.10 -12.23
CAO FJ8 Q . 12.78 -10.11 -13.36
CAP FJ8 Q . 12.94 -9.16 -14.34
CAQ FJ8 Q . 13.94 -8.19 -14.21
CAR FJ8 Q . 12.11 -9.21 -15.47
NAA FJ8 Q . 18.95 -4.50 -6.63
NAB FJ8 Q . 20.24 -4.96 -6.37
NAC FJ8 Q . 18.25 -5.46 -7.16
NAD FJ8 Q . 20.29 -6.20 -6.81
NAI FJ8 Q . 16.94 -8.47 -9.45
NAJ FJ8 Q . 16.26 -8.31 -10.62
OAH FJ8 Q . 18.23 -6.74 -9.95
N1 EPE R . -5.58 -21.51 5.83
C2 EPE R . -6.31 -22.08 6.99
C3 EPE R . -7.34 -23.12 6.58
N4 EPE R . -8.19 -22.74 5.45
C5 EPE R . -7.54 -21.95 4.43
C6 EPE R . -6.57 -20.90 4.93
C7 EPE R . -9.07 -23.76 4.91
C8 EPE R . -9.81 -24.59 5.96
O8 EPE R . -10.63 -23.76 6.75
C9 EPE R . -4.73 -20.39 6.27
C10 EPE R . -3.75 -20.96 7.27
S EPE R . -2.36 -19.92 7.72
O1S EPE R . -1.24 -20.71 8.25
O2S EPE R . -3.03 -19.25 8.83
O3S EPE R . -1.88 -19.05 6.66
#